data_6XWV
#
_entry.id   6XWV
#
_cell.length_a   86.273
_cell.length_b   86.444
_cell.length_c   88.462
_cell.angle_alpha   90.000
_cell.angle_beta   90.000
_cell.angle_gamma   90.000
#
_symmetry.space_group_name_H-M   'P 21 21 21'
#
loop_
_entity.id
_entity.type
_entity.pdbx_description
1 polymer Calmodulin
2 polymer 'Ryanodine Receptor 2'
3 water water
#
loop_
_entity_poly.entity_id
_entity_poly.type
_entity_poly.pdbx_seq_one_letter_code
_entity_poly.pdbx_strand_id
1 'polypeptide(L)'
;MSKPQNNDTLELDDILSQPVKDKERFAAFMMRKLAENKPAQNDNLFGNFKLDFDLDFEVPLIKKSQAKPKSKLPEVQPLG
ELVSKNSAATEKVNEPPVDQAPNENVPPRRSPTLSPNNRRSMRRSGNVPGSDKLRRHAIRRRSRSCGRQLLPEFEETVNL
TRSISSPVNFLPEISSTPCTEKQKEEVAKNTTRVETDKPAEKPMELSQEPEPENPLQTKVTSPARNPILAAEIEQICKER
QSSFHKNVLQLDYSGRAPYSRPPTPSSPSVAGLRRTYTMEKGPAPGQLLLSPSHRYDTPSKMPVVKAKRFNQELMVPDTP
ERQSHDPAWQSEPQPEFVVPETQPQDLGELVQTLSRSAISPIVVINTSNSNRSVRRDAVAMKSVPTSPVTALSSPPIAPS
PRRSAAASPQKSIAQLPRVEENMDAIMTDDESDEHPSTVPLNLAPSGGNTTRQRRLRSSNRARATIESQESSMRLLNLHK
SVNAKKSKPRKTAIPLNKAPSAPINGEQFARELTRMSNYEILDLRKRNSLNEIYPLNGHRNHRSEKLILEEEIQRELLRR
NLMDEAEGLPKQQSSDDSNEDYIPVPPKTQSLRTKSNDRSQGRGRPRSTRRDLPMTTELVNYLGLSQTLETRRKSSKDGK
RCLYTKGSSDHEDNDSLSPVKLPRLSKSIQIVPPPPVSLRYSQSLQNLPCSGKFDFDNVVMAAPPDFHDSVNSDAIEIAP
PPPEYVVNTRGRSTSGRKSNKNDLVLPPPGYEGGQEEEHDERPSQPRCTAKELQQSTQNGRRAMENELVPPPIEYVEEEN
RNNEQSRRSTKNGNLVDRNTHNAVEYCEPPEPPEYDDSDHGQASILRRSGKKLQHSKQSVQKSNKEQIIAPSYENNEDYD
SDEEPIYNEEYGKEESQNKNVTRRKSDKDEMASHTLECIEGPDPNWNSSCNKQNRNHQNASKSKENDKLANRSSKSQKLS
NPRQNAVGTEKSVALSNRGEECTEKSSDVMESLRVNTPTPPIDQNSDDVPSRNPSPSRTLLSDDVPSTSRAALEFLQRSQ
NMSKSRPPDESSADVVFKKPLAPAPRAKSKKGKSEVDKLKLAKMPVEAEELNTTGIRRSKRGQVPLQMSWCHTMDPSKFN
FMSGFIEPRSKNSKTKKGNLSKAKKASATKPKPTVEKNLPDNRGPLCSSTPRISEKLPGAIPHSESLGLSTLTWEETEVQ
AEAEKVPKKRGRPKKAVGGVQTDTEAEPEPEPEPMISSVAPLTSDQEEPDVPDEQAPYTEAALGPVVFSTPLRDEQEEAS
TKLMQWLRGVGDAPPSASMSDENASVSSANELIFYQVDGIDYAFYNTKEKAMLGYMRFKPYQKRSMKQAKVHPLKLLVQF
GEFNVETLAVGEEKEVHSVLRVGDMIEIDRGTRYSIQNAIDKVSVLMCIRS
;
A,B,C,D
2 'polypeptide(L)'
;MANAVVDEETLEAMVYERSKAWSSKMADFASLEDGMEIDVAEFDNLFHGEDEDPDLDDVAKEAVEDNVPDEAKLEMGHIN
ATSVTELTLILCANEDNEAKAEIEEILNQTVPVVEEHKRKWREAGLDRILDTFDEKQIEHHVGRWMRRHNSVYLEASPPK
YLPPHHNSISDESDESMHSIDTARYIQQSRRRNAHMTNKNMTTIKMYRKHSHKRDELRAKYAYGDEQEHRHHMQAVLLRR
RERERQLAYLASTPMQCVYSSGHHMRRKNLRKRRINSWMFDSASSSEEDTSFGGCDCHSCRRHYALSRSVYQSCPYGRGQ
REYHHRQMASRTMHTMRRQHTFDMEMDLRPRLPENECSCCNSDRLCSNVIHIANSSTEEWVVENRSNHLTQETQEKTRKQ
KHQPMDARKVSHQPVCSKGHEQKPLSSKATSVSKLVLSKEKYMQMFDSESSDEDNALAKKGLLCCSDKKKGMTFPTPNAA
GKITHPTSSAKKAIRKEARPNGLAQIQEEGPTATNSPIESTYLPVAHMKSVSIDGSSGTSATFESPAKKAPKRGIRETSP
LNGNELQQLISTIPIADEKASSLMEKVDNCIGRESFDDRNKDFMHMENSSTKTAVEKSTKQKRVSGKKSEIPKSIITNNE
ILEKNSTETLSEKQVAAKAKKQSVRKTGATGKPSTSRLKKSEKTKTTSSVTSTSKLEQVREEESDVSSEVLAKPKPQCST
TASILKQGGDGASNSEDDLQIALAMSKATYKEEQQKRKKTKREPSNKQPQSPAEKSMTVFNNQSVACNSTALANDTACYR
VLPKRRGVKRAAAVSTTEEKTATNSSSSPTSSLEEMGSPTGGDPDCTVVTSTTGCEPPASERQEIPATIKITKRGILLHS
PSAPEGASFTLTEQGLGKIIGERWARKYLKYHIGSRSFDSRHSVYYQPTPQLAAALSAPQDAQNIGNISGSSASDDDIFE
QINRYGTVYSILENNSGDK
;
E
#
# COMPACT_ATOMS: atom_id res chain seq x y z
N ASP A 1274 15.37 -26.25 22.74
CA ASP A 1274 14.12 -26.48 23.44
C ASP A 1274 13.25 -25.23 23.41
N GLU A 1275 13.84 -24.07 23.73
CA GLU A 1275 13.08 -22.83 23.67
C GLU A 1275 12.60 -22.54 22.26
N GLN A 1276 13.48 -22.69 21.28
CA GLN A 1276 13.11 -22.46 19.90
C GLN A 1276 12.12 -23.50 19.40
N GLU A 1277 12.21 -24.74 19.90
CA GLU A 1277 11.25 -25.77 19.52
C GLU A 1277 9.85 -25.42 20.03
N GLU A 1278 9.75 -24.90 21.25
CA GLU A 1278 8.45 -24.52 21.79
C GLU A 1278 7.86 -23.32 21.05
N ALA A 1279 8.70 -22.36 20.66
CA ALA A 1279 8.20 -21.22 19.90
C ALA A 1279 7.77 -21.64 18.50
N SER A 1280 8.50 -22.59 17.90
CA SER A 1280 8.14 -23.06 16.57
C SER A 1280 6.81 -23.80 16.58
N THR A 1281 6.59 -24.63 17.61
CA THR A 1281 5.34 -25.40 17.70
C THR A 1281 4.14 -24.49 17.99
N LYS A 1282 4.34 -23.43 18.77
CA LYS A 1282 3.20 -22.57 19.10
C LYS A 1282 2.81 -21.72 17.90
N LEU A 1283 3.76 -21.43 17.02
CA LEU A 1283 3.41 -20.78 15.76
C LEU A 1283 2.63 -21.73 14.86
N MET A 1284 3.09 -22.98 14.73
CA MET A 1284 2.41 -23.96 13.89
C MET A 1284 0.99 -24.21 14.38
N GLN A 1285 0.83 -24.45 15.69
CA GLN A 1285 -0.51 -24.67 16.23
C GLN A 1285 -1.40 -23.46 16.00
N TRP A 1286 -0.83 -22.26 16.11
CA TRP A 1286 -1.61 -21.05 15.81
C TRP A 1286 -2.03 -21.02 14.35
N LEU A 1287 -1.12 -21.36 13.44
CA LEU A 1287 -1.47 -21.38 12.02
C LEU A 1287 -2.50 -22.45 11.73
N ARG A 1288 -2.41 -23.58 12.44
CA ARG A 1288 -3.36 -24.69 12.30
C ARG A 1288 -4.69 -24.39 12.99
N GLY A 1289 -4.80 -23.28 13.69
CA GLY A 1289 -6.02 -22.86 14.36
C GLY A 1289 -6.24 -23.31 15.80
N VAL A 1290 -5.28 -23.97 16.45
CA VAL A 1290 -5.44 -24.30 17.87
C VAL A 1290 -4.58 -23.36 18.71
N GLY A 1291 -5.08 -22.14 18.91
CA GLY A 1291 -4.42 -21.16 19.75
C GLY A 1291 -5.31 -19.97 20.10
N ASP A 1292 -5.12 -19.36 21.27
CA ASP A 1292 -5.92 -18.21 21.65
C ASP A 1292 -5.34 -16.89 21.15
N ALA A 1293 -4.04 -16.86 20.82
CA ALA A 1293 -3.41 -15.62 20.39
C ALA A 1293 -2.20 -15.97 19.52
N PRO A 1294 -1.91 -15.17 18.50
CA PRO A 1294 -0.71 -15.42 17.69
C PRO A 1294 0.52 -15.23 18.52
N PRO A 1295 1.67 -15.80 18.11
CA PRO A 1295 2.92 -15.58 18.84
C PRO A 1295 3.20 -14.10 19.02
N SER A 1296 3.16 -13.65 20.27
CA SER A 1296 3.27 -12.22 20.57
C SER A 1296 4.73 -11.78 20.47
N ALA A 1297 4.93 -10.60 19.88
CA ALA A 1297 6.28 -10.04 19.75
C ALA A 1297 6.69 -9.34 21.03
N GLU A 1302 8.28 -1.79 16.86
CA GLU A 1302 9.47 -0.97 16.69
C GLU A 1302 9.69 -0.59 15.23
N ASN A 1303 10.44 -1.43 14.53
CA ASN A 1303 10.82 -1.15 13.15
C ASN A 1303 9.66 -1.49 12.20
N ALA A 1304 9.33 -0.56 11.31
CA ALA A 1304 8.24 -0.78 10.36
C ALA A 1304 8.63 -1.78 9.28
N SER A 1305 9.92 -1.93 8.99
CA SER A 1305 10.36 -2.96 8.06
C SER A 1305 9.99 -4.36 8.54
N VAL A 1306 9.72 -4.50 9.83
CA VAL A 1306 9.56 -5.80 10.49
C VAL A 1306 8.07 -6.12 10.61
N SER A 1307 7.68 -7.29 10.09
CA SER A 1307 6.33 -7.81 10.25
C SER A 1307 6.43 -9.06 11.11
N SER A 1308 6.10 -8.93 12.38
CA SER A 1308 6.28 -10.04 13.29
C SER A 1308 5.10 -11.00 13.21
N ALA A 1309 5.30 -12.20 13.77
CA ALA A 1309 4.27 -13.23 13.74
C ALA A 1309 3.01 -12.75 14.45
N ASN A 1310 3.14 -11.77 15.34
CA ASN A 1310 2.03 -11.17 16.05
C ASN A 1310 1.04 -10.48 15.10
N GLU A 1311 1.42 -10.23 13.86
CA GLU A 1311 0.54 -9.60 12.89
C GLU A 1311 -0.27 -10.63 12.11
N LEU A 1312 -0.20 -11.89 12.49
CA LEU A 1312 -0.94 -12.93 11.77
C LEU A 1312 -2.30 -13.09 12.44
N ILE A 1313 -3.21 -12.21 12.06
CA ILE A 1313 -4.60 -12.31 12.51
C ILE A 1313 -5.35 -12.99 11.38
N PHE A 1314 -6.13 -14.01 11.72
CA PHE A 1314 -6.86 -14.78 10.73
C PHE A 1314 -8.26 -14.21 10.53
N TYR A 1315 -8.59 -13.94 9.26
CA TYR A 1315 -9.92 -13.48 8.86
C TYR A 1315 -10.55 -14.54 7.97
N GLN A 1316 -11.81 -14.89 8.24
CA GLN A 1316 -12.51 -15.84 7.40
C GLN A 1316 -13.17 -15.06 6.26
N VAL A 1317 -12.78 -15.39 5.03
CA VAL A 1317 -13.31 -14.74 3.84
C VAL A 1317 -13.73 -15.82 2.86
N ASP A 1318 -15.01 -15.80 2.47
CA ASP A 1318 -15.57 -16.79 1.54
C ASP A 1318 -15.35 -18.21 2.05
N GLY A 1319 -15.42 -18.38 3.37
CA GLY A 1319 -15.30 -19.67 4.02
C GLY A 1319 -13.89 -20.16 4.25
N ILE A 1320 -12.86 -19.41 3.86
CA ILE A 1320 -11.47 -19.80 4.04
C ILE A 1320 -10.77 -18.81 4.95
N ASP A 1321 -9.90 -19.32 5.83
CA ASP A 1321 -9.18 -18.49 6.78
C ASP A 1321 -7.91 -17.93 6.14
N TYR A 1322 -7.75 -16.60 6.23
CA TYR A 1322 -6.61 -15.90 5.67
C TYR A 1322 -5.89 -15.10 6.75
N ALA A 1323 -4.56 -15.17 6.75
CA ALA A 1323 -3.73 -14.34 7.61
C ALA A 1323 -2.58 -13.78 6.79
N PHE A 1324 -2.45 -12.46 6.78
CA PHE A 1324 -1.42 -11.78 6.03
C PHE A 1324 -0.53 -11.01 6.98
N TYR A 1325 0.75 -10.89 6.65
CA TYR A 1325 1.61 -10.00 7.42
C TYR A 1325 1.27 -8.57 7.01
N ASN A 1326 1.33 -7.64 7.96
CA ASN A 1326 1.08 -6.24 7.63
C ASN A 1326 2.39 -5.69 7.09
N THR A 1327 2.47 -5.54 5.78
CA THR A 1327 3.70 -5.16 5.08
C THR A 1327 3.49 -3.90 4.26
N LYS A 1328 4.61 -3.37 3.77
CA LYS A 1328 4.57 -2.13 2.99
C LYS A 1328 3.64 -2.24 1.78
N GLU A 1329 3.83 -3.24 0.91
CA GLU A 1329 2.75 -3.54 -0.05
C GLU A 1329 1.83 -4.59 0.58
N LYS A 1330 0.52 -4.33 0.52
CA LYS A 1330 -0.45 -5.15 1.22
C LYS A 1330 -0.58 -6.55 0.62
N ALA A 1331 -0.78 -7.54 1.51
CA ALA A 1331 -1.17 -8.91 1.13
C ALA A 1331 -0.18 -9.60 0.20
N MET A 1332 1.12 -9.33 0.37
CA MET A 1332 2.13 -10.00 -0.43
C MET A 1332 2.60 -11.32 0.16
N LEU A 1333 2.44 -11.52 1.47
CA LEU A 1333 2.87 -12.75 2.13
C LEU A 1333 1.84 -13.13 3.18
N GLY A 1334 1.29 -14.34 3.06
CA GLY A 1334 0.29 -14.76 4.03
C GLY A 1334 0.13 -16.26 4.08
N TYR A 1335 -0.84 -16.69 4.88
CA TYR A 1335 -1.16 -18.11 5.06
C TYR A 1335 -2.62 -18.37 4.78
N MET A 1336 -2.90 -19.52 4.18
CA MET A 1336 -4.27 -19.98 3.94
C MET A 1336 -4.51 -21.21 4.79
N ARG A 1337 -5.49 -21.14 5.69
CA ARG A 1337 -5.83 -22.27 6.53
C ARG A 1337 -7.05 -22.96 5.93
N PHE A 1338 -6.89 -24.22 5.57
CA PHE A 1338 -7.97 -24.99 4.97
C PHE A 1338 -8.47 -26.00 5.98
N LYS A 1339 -9.79 -26.13 6.02
CA LYS A 1339 -10.49 -27.12 6.80
C LYS A 1339 -10.37 -28.48 6.12
N PRO A 1340 -10.76 -29.59 6.81
CA PRO A 1340 -10.66 -30.93 6.19
C PRO A 1340 -11.35 -31.04 4.83
N TYR A 1341 -10.57 -31.41 3.80
CA TYR A 1341 -11.01 -31.66 2.44
C TYR A 1341 -11.62 -30.44 1.78
N GLN A 1342 -11.46 -29.27 2.38
CA GLN A 1342 -11.98 -28.05 1.78
C GLN A 1342 -11.23 -27.74 0.49
N LYS A 1343 -11.98 -27.26 -0.50
CA LYS A 1343 -11.43 -26.91 -1.79
C LYS A 1343 -11.77 -25.46 -2.09
N ARG A 1344 -10.87 -24.75 -2.76
CA ARG A 1344 -11.14 -23.41 -3.25
C ARG A 1344 -11.20 -23.47 -4.78
N SER A 1345 -12.35 -23.09 -5.33
CA SER A 1345 -12.59 -23.17 -6.76
C SER A 1345 -11.54 -22.38 -7.54
N MET A 1346 -11.33 -22.81 -8.79
CA MET A 1346 -10.35 -22.21 -9.66
C MET A 1346 -10.49 -20.69 -9.74
N LYS A 1347 -9.35 -20.00 -9.62
CA LYS A 1347 -9.25 -18.55 -9.77
C LYS A 1347 -8.06 -18.25 -10.66
N GLN A 1348 -7.96 -17.00 -11.10
CA GLN A 1348 -6.91 -16.57 -12.02
C GLN A 1348 -5.93 -15.65 -11.30
N ALA A 1349 -4.65 -15.82 -11.60
CA ALA A 1349 -3.58 -14.96 -11.10
C ALA A 1349 -3.64 -13.62 -11.84
N LYS A 1350 -4.30 -12.63 -11.22
CA LYS A 1350 -4.59 -11.40 -11.95
C LYS A 1350 -3.39 -10.50 -12.17
N VAL A 1351 -3.00 -9.70 -11.17
CA VAL A 1351 -1.93 -8.74 -11.37
C VAL A 1351 -0.58 -9.19 -10.82
N HIS A 1352 -0.54 -10.26 -10.03
CA HIS A 1352 0.74 -10.67 -9.51
C HIS A 1352 0.94 -12.18 -9.61
N PRO A 1353 2.14 -12.62 -9.97
CA PRO A 1353 2.47 -14.04 -9.92
C PRO A 1353 2.43 -14.57 -8.48
N LEU A 1354 2.23 -15.88 -8.37
CA LEU A 1354 2.00 -16.52 -7.09
C LEU A 1354 2.93 -17.71 -6.88
N LYS A 1355 3.28 -17.92 -5.62
CA LYS A 1355 3.97 -19.14 -5.18
C LYS A 1355 3.20 -19.69 -4.00
N LEU A 1356 2.88 -20.98 -4.04
CA LEU A 1356 2.19 -21.65 -2.95
C LEU A 1356 3.13 -22.68 -2.36
N LEU A 1357 3.46 -22.51 -1.08
CA LEU A 1357 4.36 -23.41 -0.36
C LEU A 1357 3.62 -23.97 0.83
N VAL A 1358 3.65 -25.29 0.99
CA VAL A 1358 2.85 -25.96 2.00
C VAL A 1358 3.51 -25.81 3.37
N GLN A 1359 2.82 -25.12 4.27
CA GLN A 1359 3.28 -24.96 5.65
C GLN A 1359 2.99 -26.20 6.49
N PHE A 1360 1.83 -26.83 6.27
CA PHE A 1360 1.44 -28.02 7.02
C PHE A 1360 0.35 -28.75 6.24
N GLY A 1361 0.38 -30.07 6.28
CA GLY A 1361 -0.65 -30.88 5.66
C GLY A 1361 -0.35 -31.26 4.23
N GLU A 1362 -1.42 -31.52 3.48
CA GLU A 1362 -1.34 -31.97 2.10
C GLU A 1362 -2.38 -31.26 1.25
N PHE A 1363 -1.99 -30.90 0.03
CA PHE A 1363 -2.88 -30.19 -0.88
C PHE A 1363 -2.83 -30.82 -2.27
N ASN A 1364 -3.97 -30.75 -2.95
CA ASN A 1364 -4.10 -31.11 -4.36
C ASN A 1364 -4.30 -29.80 -5.13
N VAL A 1365 -3.41 -29.52 -6.07
CA VAL A 1365 -3.47 -28.29 -6.85
C VAL A 1365 -3.70 -28.64 -8.31
N GLU A 1366 -4.67 -27.97 -8.93
CA GLU A 1366 -4.94 -28.09 -10.35
C GLU A 1366 -4.55 -26.76 -11.01
N THR A 1367 -3.75 -26.84 -12.07
CA THR A 1367 -3.26 -25.66 -12.76
C THR A 1367 -3.69 -25.71 -14.22
N LEU A 1368 -4.17 -24.57 -14.73
CA LEU A 1368 -4.53 -24.43 -16.13
C LEU A 1368 -3.96 -23.13 -16.67
N ALA A 1369 -3.05 -23.24 -17.63
CA ALA A 1369 -2.45 -22.07 -18.25
C ALA A 1369 -3.46 -21.38 -19.17
N VAL A 1370 -3.08 -20.20 -19.68
CA VAL A 1370 -3.95 -19.42 -20.54
C VAL A 1370 -4.37 -20.21 -21.79
N GLY A 1371 -3.71 -21.33 -22.07
CA GLY A 1371 -4.05 -22.16 -23.21
C GLY A 1371 -4.17 -23.61 -22.81
N GLU A 1372 -4.56 -24.44 -23.78
CA GLU A 1372 -4.77 -25.87 -23.62
C GLU A 1372 -5.92 -26.19 -22.66
N GLU A 1373 -6.64 -27.27 -22.94
CA GLU A 1373 -7.78 -27.67 -22.14
C GLU A 1373 -7.41 -28.65 -21.04
N LYS A 1374 -6.25 -29.29 -21.11
CA LYS A 1374 -5.90 -30.29 -20.11
C LYS A 1374 -5.27 -29.57 -18.93
N GLU A 1375 -5.86 -29.76 -17.76
CA GLU A 1375 -5.38 -29.18 -16.52
C GLU A 1375 -4.31 -30.09 -15.91
N VAL A 1376 -3.33 -29.48 -15.26
CA VAL A 1376 -2.26 -30.20 -14.62
C VAL A 1376 -2.61 -30.39 -13.15
N HIS A 1377 -2.40 -31.60 -12.64
CA HIS A 1377 -2.73 -31.94 -11.26
C HIS A 1377 -1.44 -32.15 -10.48
N SER A 1378 -1.36 -31.54 -9.31
CA SER A 1378 -0.18 -31.63 -8.46
C SER A 1378 -0.59 -31.97 -7.04
N VAL A 1379 0.22 -32.79 -6.38
CA VAL A 1379 0.06 -33.11 -4.98
C VAL A 1379 1.23 -32.50 -4.23
N LEU A 1380 0.94 -31.70 -3.22
CA LEU A 1380 1.96 -31.01 -2.45
C LEU A 1380 1.84 -31.41 -0.99
N ARG A 1381 2.90 -31.98 -0.43
CA ARG A 1381 2.96 -32.16 1.01
C ARG A 1381 3.86 -31.06 1.61
N VAL A 1382 4.06 -31.14 2.94
CA VAL A 1382 4.71 -30.07 3.67
C VAL A 1382 6.11 -29.79 3.11
N GLY A 1383 6.38 -28.51 2.85
CA GLY A 1383 7.63 -28.07 2.28
C GLY A 1383 7.63 -27.97 0.76
N ASP A 1384 6.69 -28.61 0.09
CA ASP A 1384 6.60 -28.53 -1.35
C ASP A 1384 6.10 -27.16 -1.78
N MET A 1385 6.54 -26.74 -2.97
CA MET A 1385 6.19 -25.43 -3.50
C MET A 1385 5.83 -25.56 -4.96
N ILE A 1386 4.85 -24.77 -5.40
CA ILE A 1386 4.46 -24.70 -6.79
C ILE A 1386 4.43 -23.23 -7.21
N GLU A 1387 4.93 -22.96 -8.42
CA GLU A 1387 4.96 -21.62 -8.98
C GLU A 1387 3.78 -21.44 -9.91
N ILE A 1388 2.99 -20.39 -9.67
CA ILE A 1388 1.83 -20.08 -10.50
C ILE A 1388 2.12 -18.78 -11.24
N ASP A 1389 2.26 -18.88 -12.55
CA ASP A 1389 2.61 -17.73 -13.37
C ASP A 1389 1.43 -16.79 -13.64
N ARG A 1390 1.78 -15.68 -14.27
CA ARG A 1390 0.87 -14.63 -14.69
C ARG A 1390 -0.32 -15.24 -15.41
N GLY A 1391 -1.53 -14.91 -14.98
CA GLY A 1391 -2.69 -15.33 -15.73
C GLY A 1391 -3.15 -16.77 -15.56
N THR A 1392 -2.31 -17.66 -15.02
CA THR A 1392 -2.68 -19.05 -14.84
C THR A 1392 -3.87 -19.19 -13.90
N ARG A 1393 -4.78 -20.10 -14.24
CA ARG A 1393 -5.91 -20.41 -13.38
C ARG A 1393 -5.59 -21.65 -12.53
N TYR A 1394 -5.85 -21.55 -11.23
CA TYR A 1394 -5.46 -22.57 -10.28
C TYR A 1394 -6.58 -22.81 -9.27
N SER A 1395 -6.64 -24.02 -8.75
CA SER A 1395 -7.55 -24.40 -7.70
C SER A 1395 -6.76 -25.15 -6.63
N ILE A 1396 -7.24 -25.08 -5.39
CA ILE A 1396 -6.57 -25.71 -4.27
C ILE A 1396 -7.60 -26.50 -3.47
N GLN A 1397 -7.24 -27.73 -3.10
CA GLN A 1397 -8.08 -28.57 -2.26
C GLN A 1397 -7.23 -29.19 -1.16
N ASN A 1398 -7.72 -29.11 0.08
CA ASN A 1398 -7.11 -29.84 1.18
C ASN A 1398 -7.28 -31.34 0.94
N ALA A 1399 -6.17 -32.07 0.93
CA ALA A 1399 -6.22 -33.48 0.53
C ALA A 1399 -6.53 -34.44 1.67
N ILE A 1400 -6.60 -33.97 2.92
CA ILE A 1400 -6.73 -34.85 4.07
C ILE A 1400 -7.86 -34.37 4.99
N ASP A 1401 -8.12 -35.19 6.02
CA ASP A 1401 -9.17 -34.96 7.00
C ASP A 1401 -8.66 -34.17 8.21
N LYS A 1402 -7.67 -33.32 8.00
CA LYS A 1402 -7.12 -32.44 9.02
C LYS A 1402 -7.00 -31.05 8.44
N VAL A 1403 -6.78 -30.09 9.33
CA VAL A 1403 -6.51 -28.73 8.88
C VAL A 1403 -5.18 -28.73 8.13
N SER A 1404 -5.15 -28.11 6.96
CA SER A 1404 -3.94 -27.94 6.19
C SER A 1404 -3.69 -26.46 6.00
N VAL A 1405 -2.42 -26.06 5.99
CA VAL A 1405 -2.03 -24.67 5.95
C VAL A 1405 -1.12 -24.45 4.75
N LEU A 1406 -1.38 -23.38 4.00
CA LEU A 1406 -0.61 -23.03 2.83
C LEU A 1406 -0.05 -21.62 3.00
N MET A 1407 1.18 -21.42 2.56
CA MET A 1407 1.78 -20.10 2.52
C MET A 1407 1.72 -19.58 1.09
N CYS A 1408 1.17 -18.38 0.91
CA CYS A 1408 1.04 -17.75 -0.40
C CYS A 1408 2.03 -16.60 -0.52
N ILE A 1409 2.83 -16.63 -1.58
CA ILE A 1409 3.88 -15.64 -1.82
C ILE A 1409 3.58 -14.96 -3.14
N ARG A 1410 3.21 -13.68 -3.08
CA ARG A 1410 2.93 -12.91 -4.29
C ARG A 1410 4.15 -12.10 -4.73
N THR B 890 -16.56 -14.59 8.76
CA THR B 890 -16.55 -13.45 9.67
C THR B 890 -16.31 -12.13 8.94
N LEU B 891 -15.96 -12.20 7.65
CA LEU B 891 -15.69 -11.00 6.88
C LEU B 891 -16.01 -11.25 5.41
N THR B 892 -16.24 -10.15 4.68
CA THR B 892 -16.38 -10.13 3.24
C THR B 892 -15.06 -9.69 2.60
N GLU B 893 -14.94 -9.90 1.29
CA GLU B 893 -13.68 -9.55 0.62
C GLU B 893 -13.47 -8.03 0.61
N GLN B 894 -14.53 -7.26 0.37
CA GLN B 894 -14.42 -5.81 0.52
C GLN B 894 -14.10 -5.44 1.96
N GLY B 895 -14.65 -6.19 2.92
CA GLY B 895 -14.38 -5.91 4.32
C GLY B 895 -12.95 -6.20 4.71
N LEU B 896 -12.37 -7.29 4.20
CA LEU B 896 -10.97 -7.56 4.44
C LEU B 896 -10.09 -6.47 3.83
N GLY B 897 -10.48 -5.95 2.66
CA GLY B 897 -9.73 -4.87 2.06
C GLY B 897 -9.66 -3.64 2.93
N LYS B 898 -10.76 -3.32 3.62
CA LYS B 898 -10.77 -2.16 4.50
C LYS B 898 -9.98 -2.43 5.78
N ILE B 899 -10.15 -3.63 6.35
CA ILE B 899 -9.44 -3.97 7.58
C ILE B 899 -7.94 -3.99 7.34
N ILE B 900 -7.51 -4.59 6.23
CA ILE B 900 -6.09 -4.53 5.87
C ILE B 900 -5.68 -3.09 5.59
N GLY B 901 -6.58 -2.30 5.01
CA GLY B 901 -6.24 -0.91 4.72
C GLY B 901 -6.05 -0.08 5.98
N GLU B 902 -6.90 -0.28 6.99
CA GLU B 902 -6.72 0.43 8.25
C GLU B 902 -5.45 0.01 8.96
N ARG B 903 -5.23 -1.31 9.07
CA ARG B 903 -4.02 -1.80 9.71
C ARG B 903 -2.77 -1.32 8.98
N TRP B 904 -2.82 -1.26 7.65
CA TRP B 904 -1.68 -0.75 6.90
C TRP B 904 -1.40 0.71 7.27
N ALA B 905 -2.46 1.50 7.43
CA ALA B 905 -2.27 2.94 7.65
C ALA B 905 -1.74 3.22 9.05
N ARG B 906 -2.26 2.50 10.06
CA ARG B 906 -1.82 2.73 11.43
C ARG B 906 -0.35 2.41 11.63
N LYS B 907 0.26 1.66 10.71
CA LYS B 907 1.66 1.29 10.82
C LYS B 907 2.57 2.09 9.92
N TYR B 908 2.13 2.45 8.72
CA TYR B 908 3.02 3.00 7.70
C TYR B 908 2.74 4.46 7.34
N LEU B 909 1.66 5.06 7.82
CA LEU B 909 1.35 6.42 7.43
C LEU B 909 2.40 7.40 7.96
N LYS B 910 2.91 7.16 9.18
CA LYS B 910 3.86 8.09 9.77
C LYS B 910 5.17 8.19 8.97
N TYR B 911 5.40 7.28 8.04
CA TYR B 911 6.58 7.33 7.19
C TYR B 911 6.32 7.99 5.86
N HIS B 912 5.09 8.43 5.60
CA HIS B 912 4.74 9.12 4.36
C HIS B 912 4.33 10.57 4.62
N ILE B 913 4.60 11.09 5.80
CA ILE B 913 4.28 12.48 6.12
C ILE B 913 5.56 13.26 6.41
N ASP C 1274 -1.23 -37.67 13.22
CA ASP C 1274 0.15 -37.91 13.61
C ASP C 1274 1.08 -37.92 12.40
N GLU C 1275 0.63 -38.53 11.31
CA GLU C 1275 1.47 -38.65 10.11
C GLU C 1275 1.94 -37.29 9.59
N GLN C 1276 1.02 -36.32 9.49
CA GLN C 1276 1.41 -34.98 8.99
C GLN C 1276 2.25 -34.20 9.97
N GLU C 1277 1.90 -34.22 11.27
CA GLU C 1277 2.73 -33.55 12.25
C GLU C 1277 4.10 -34.19 12.31
N GLU C 1278 4.15 -35.52 12.21
CA GLU C 1278 5.41 -36.24 12.24
C GLU C 1278 6.19 -35.98 10.94
N ALA C 1279 5.51 -35.75 9.80
CA ALA C 1279 6.21 -35.41 8.57
C ALA C 1279 6.80 -33.99 8.61
N SER C 1280 6.07 -33.04 9.19
CA SER C 1280 6.55 -31.66 9.26
C SER C 1280 7.78 -31.55 10.16
N THR C 1281 7.81 -32.34 11.24
CA THR C 1281 8.94 -32.30 12.15
C THR C 1281 10.21 -32.78 11.44
N LYS C 1282 10.09 -33.75 10.54
CA LYS C 1282 11.30 -34.25 9.88
C LYS C 1282 11.84 -33.27 8.86
N LEU C 1283 10.99 -32.42 8.29
CA LEU C 1283 11.48 -31.37 7.40
C LEU C 1283 12.28 -30.34 8.20
N MET C 1284 11.77 -29.93 9.35
CA MET C 1284 12.48 -28.98 10.20
C MET C 1284 13.84 -29.54 10.59
N GLN C 1285 13.88 -30.79 11.03
CA GLN C 1285 15.15 -31.42 11.40
C GLN C 1285 16.11 -31.45 10.22
N TRP C 1286 15.59 -31.72 9.02
CA TRP C 1286 16.44 -31.69 7.83
C TRP C 1286 17.00 -30.29 7.58
N LEU C 1287 16.15 -29.27 7.67
CA LEU C 1287 16.61 -27.90 7.46
C LEU C 1287 17.56 -27.47 8.57
N ARG C 1288 17.34 -27.95 9.80
CA ARG C 1288 18.20 -27.59 10.92
C ARG C 1288 19.55 -28.28 10.88
N GLY C 1289 19.76 -29.20 9.95
CA GLY C 1289 21.00 -29.94 9.98
C GLY C 1289 20.93 -31.13 10.91
N VAL C 1290 19.75 -31.45 11.41
CA VAL C 1290 19.58 -32.53 12.38
C VAL C 1290 19.11 -33.75 11.58
N GLY C 1291 20.09 -34.48 11.04
CA GLY C 1291 19.84 -35.70 10.29
C GLY C 1291 19.04 -35.45 9.03
N SER C 1305 4.84 -27.77 -12.54
CA SER C 1305 5.97 -27.00 -12.02
C SER C 1305 6.05 -27.09 -10.49
N VAL C 1306 6.17 -28.32 -9.99
CA VAL C 1306 6.27 -28.59 -8.56
C VAL C 1306 7.75 -28.77 -8.21
N SER C 1307 8.21 -27.99 -7.23
CA SER C 1307 9.57 -28.11 -6.70
C SER C 1307 9.40 -28.63 -5.27
N SER C 1308 9.62 -29.93 -5.09
CA SER C 1308 9.37 -30.55 -3.80
C SER C 1308 10.55 -30.39 -2.86
N ALA C 1309 10.29 -30.66 -1.57
CA ALA C 1309 11.32 -30.53 -0.56
C ALA C 1309 12.46 -31.52 -0.72
N ASN C 1310 12.21 -32.72 -1.27
CA ASN C 1310 13.32 -33.65 -1.45
C ASN C 1310 14.33 -33.17 -2.50
N GLU C 1311 13.96 -32.19 -3.33
CA GLU C 1311 14.85 -31.66 -4.34
C GLU C 1311 15.65 -30.48 -3.83
N LEU C 1312 15.61 -30.26 -2.52
CA LEU C 1312 16.35 -29.19 -1.86
C LEU C 1312 17.72 -29.75 -1.46
N ILE C 1313 18.73 -29.44 -2.27
CA ILE C 1313 20.12 -29.76 -1.97
C ILE C 1313 20.76 -28.49 -1.42
N PHE C 1314 21.47 -28.62 -0.32
CA PHE C 1314 22.07 -27.46 0.35
C PHE C 1314 23.48 -27.19 -0.17
N TYR C 1315 23.78 -25.96 -0.61
CA TYR C 1315 25.21 -25.68 -0.72
C TYR C 1315 25.67 -24.47 0.09
N GLN C 1316 26.88 -24.73 0.60
CA GLN C 1316 27.68 -23.89 1.46
C GLN C 1316 28.48 -22.90 0.65
N VAL C 1317 28.26 -21.63 0.94
CA VAL C 1317 28.98 -20.51 0.34
C VAL C 1317 29.44 -19.62 1.49
N ASP C 1318 30.75 -19.40 1.59
CA ASP C 1318 31.33 -18.58 2.66
C ASP C 1318 30.92 -19.08 4.05
N GLY C 1319 30.85 -20.40 4.20
CA GLY C 1319 30.54 -20.98 5.49
C GLY C 1319 29.07 -21.06 5.83
N ILE C 1320 28.17 -20.62 4.96
CA ILE C 1320 26.73 -20.63 5.22
C ILE C 1320 26.08 -21.62 4.27
N ASP C 1321 25.13 -22.39 4.79
CA ASP C 1321 24.42 -23.39 4.01
C ASP C 1321 23.18 -22.77 3.35
N TYR C 1322 23.05 -22.97 2.04
CA TYR C 1322 21.94 -22.45 1.26
C TYR C 1322 21.25 -23.59 0.52
N ALA C 1323 19.91 -23.57 0.52
CA ALA C 1323 19.12 -24.48 -0.30
C ALA C 1323 18.03 -23.68 -0.97
N PHE C 1324 17.96 -23.76 -2.30
CA PHE C 1324 17.01 -22.98 -3.07
C PHE C 1324 16.04 -23.89 -3.83
N TYR C 1325 14.81 -23.44 -3.95
CA TYR C 1325 13.83 -24.11 -4.78
C TYR C 1325 14.12 -23.82 -6.25
N ASN C 1326 13.77 -24.76 -7.11
CA ASN C 1326 13.92 -24.54 -8.54
C ASN C 1326 12.74 -23.71 -9.03
N THR C 1327 13.01 -22.46 -9.37
CA THR C 1327 12.00 -21.53 -9.87
C THR C 1327 12.44 -21.04 -11.24
N LYS C 1328 11.49 -20.42 -11.95
CA LYS C 1328 11.80 -19.86 -13.26
C LYS C 1328 12.95 -18.87 -13.16
N GLU C 1329 12.85 -17.91 -12.25
CA GLU C 1329 13.96 -17.04 -11.90
C GLU C 1329 14.78 -17.71 -10.81
N LYS C 1330 16.08 -17.84 -11.03
CA LYS C 1330 16.90 -18.62 -10.12
C LYS C 1330 17.07 -17.91 -8.78
N ALA C 1331 17.09 -18.70 -7.71
CA ALA C 1331 17.38 -18.23 -6.35
C ALA C 1331 16.36 -17.20 -5.86
N MET C 1332 15.09 -17.34 -6.24
CA MET C 1332 14.06 -16.43 -5.75
C MET C 1332 13.45 -16.86 -4.42
N LEU C 1333 13.54 -18.14 -4.09
CA LEU C 1333 12.99 -18.66 -2.83
C LEU C 1333 13.93 -19.75 -2.32
N GLY C 1334 14.44 -19.56 -1.11
CA GLY C 1334 15.35 -20.54 -0.55
C GLY C 1334 15.48 -20.42 0.95
N TYR C 1335 16.39 -21.21 1.50
CA TYR C 1335 16.66 -21.24 2.93
C TYR C 1335 18.14 -20.99 3.19
N MET C 1336 18.41 -20.25 4.26
CA MET C 1336 19.77 -20.04 4.77
C MET C 1336 19.87 -20.70 6.12
N ARG C 1337 20.79 -21.66 6.25
CA ARG C 1337 21.02 -22.35 7.51
C ARG C 1337 22.26 -21.76 8.19
N PHE C 1338 22.09 -21.29 9.42
CA PHE C 1338 23.16 -20.63 10.16
C PHE C 1338 23.63 -21.53 11.29
N LYS C 1339 24.94 -21.54 11.52
CA LYS C 1339 25.52 -22.24 12.66
C LYS C 1339 25.41 -21.34 13.89
N PRO C 1340 25.66 -21.88 15.10
CA PRO C 1340 25.52 -21.06 16.32
C PRO C 1340 26.28 -19.75 16.25
N TYR C 1341 25.56 -18.63 16.37
CA TYR C 1341 26.10 -17.28 16.37
C TYR C 1341 26.79 -16.94 15.05
N GLN C 1342 26.57 -17.73 14.00
CA GLN C 1342 27.17 -17.45 12.71
C GLN C 1342 26.63 -16.14 12.14
N LYS C 1343 27.50 -15.46 11.40
CA LYS C 1343 27.24 -14.16 10.82
C LYS C 1343 27.34 -14.23 9.31
N ARG C 1344 26.51 -13.43 8.64
CA ARG C 1344 26.54 -13.27 7.19
C ARG C 1344 27.00 -11.87 6.84
N SER C 1345 28.04 -11.77 6.01
CA SER C 1345 28.61 -10.48 5.66
C SER C 1345 27.55 -9.54 5.11
N MET C 1346 27.72 -8.23 5.39
CA MET C 1346 26.81 -7.20 4.90
C MET C 1346 26.71 -7.23 3.40
N LYS C 1347 25.51 -7.19 2.88
CA LYS C 1347 25.33 -7.20 1.45
C LYS C 1347 24.20 -6.24 1.11
N GLN C 1348 24.08 -5.90 -0.17
CA GLN C 1348 23.09 -4.94 -0.61
C GLN C 1348 22.04 -5.60 -1.51
N ALA C 1349 20.76 -5.27 -1.30
CA ALA C 1349 19.71 -5.72 -2.20
C ALA C 1349 19.79 -4.87 -3.46
N LYS C 1350 20.61 -5.31 -4.42
CA LYS C 1350 20.96 -4.48 -5.58
C LYS C 1350 19.85 -4.45 -6.62
N VAL C 1351 19.75 -5.53 -7.38
CA VAL C 1351 18.80 -5.65 -8.46
C VAL C 1351 17.49 -6.15 -7.88
N HIS C 1352 17.47 -6.61 -6.63
CA HIS C 1352 16.26 -7.11 -5.98
C HIS C 1352 15.83 -6.87 -4.54
N PRO C 1353 14.52 -6.58 -4.37
CA PRO C 1353 13.92 -6.47 -3.03
C PRO C 1353 13.84 -7.81 -2.33
N LEU C 1354 13.95 -7.79 -1.01
CA LEU C 1354 14.10 -9.02 -0.26
C LEU C 1354 13.21 -9.07 0.98
N LYS C 1355 12.78 -10.29 1.30
CA LYS C 1355 12.06 -10.60 2.52
C LYS C 1355 12.78 -11.76 3.21
N LEU C 1356 13.03 -11.59 4.51
CA LEU C 1356 13.65 -12.62 5.34
C LEU C 1356 12.65 -13.09 6.37
N LEU C 1357 12.31 -14.37 6.32
CA LEU C 1357 11.35 -14.97 7.25
C LEU C 1357 12.03 -16.09 8.01
N VAL C 1358 11.92 -16.06 9.33
CA VAL C 1358 12.64 -16.99 10.19
C VAL C 1358 11.88 -18.32 10.22
N GLN C 1359 12.50 -19.37 9.69
CA GLN C 1359 11.92 -20.71 9.75
C GLN C 1359 12.16 -21.35 11.12
N PHE C 1360 13.31 -21.09 11.73
CA PHE C 1360 13.63 -21.66 13.03
C PHE C 1360 14.71 -20.82 13.69
N GLY C 1361 14.60 -20.65 15.00
CA GLY C 1361 15.60 -19.95 15.77
C GLY C 1361 15.32 -18.46 15.86
N GLU C 1362 16.40 -17.71 16.07
CA GLU C 1362 16.36 -16.26 16.23
C GLU C 1362 17.52 -15.66 15.45
N PHE C 1363 17.29 -14.48 14.87
CA PHE C 1363 18.30 -13.82 14.05
C PHE C 1363 18.42 -12.36 14.44
N ASN C 1364 19.64 -11.83 14.28
CA ASN C 1364 19.92 -10.40 14.39
C ASN C 1364 20.15 -9.87 12.98
N VAL C 1365 19.33 -8.90 12.57
CA VAL C 1365 19.44 -8.30 11.24
C VAL C 1365 19.74 -6.82 11.40
N GLU C 1366 20.78 -6.35 10.71
CA GLU C 1366 21.12 -4.93 10.66
C GLU C 1366 20.92 -4.39 9.25
N THR C 1367 20.22 -3.26 9.15
CA THR C 1367 19.88 -2.64 7.87
C THR C 1367 20.43 -1.22 7.80
N LEU C 1368 20.88 -0.82 6.62
CA LEU C 1368 21.32 0.56 6.36
C LEU C 1368 20.50 1.06 5.18
N ALA C 1369 19.59 2.00 5.46
CA ALA C 1369 18.67 2.54 4.47
C ALA C 1369 19.35 3.55 3.55
N VAL C 1370 18.64 3.88 2.47
CA VAL C 1370 19.13 4.84 1.48
C VAL C 1370 19.29 6.21 2.13
N GLY C 1371 20.52 6.72 2.14
CA GLY C 1371 20.82 8.02 2.73
C GLY C 1371 21.05 8.02 4.22
N GLU C 1372 20.58 7.00 4.94
CA GLU C 1372 20.69 6.99 6.39
C GLU C 1372 22.11 6.68 6.87
N GLU C 1373 22.48 7.32 7.98
CA GLU C 1373 23.78 7.10 8.61
C GLU C 1373 23.71 6.13 9.77
N LYS C 1374 22.53 5.98 10.38
CA LYS C 1374 22.32 5.13 11.54
C LYS C 1374 21.81 3.77 11.10
N GLU C 1375 22.42 2.71 11.62
CA GLU C 1375 21.98 1.35 11.33
C GLU C 1375 20.78 1.01 12.20
N VAL C 1376 19.82 0.29 11.64
CA VAL C 1376 18.66 -0.18 12.38
C VAL C 1376 18.89 -1.64 12.75
N HIS C 1377 18.62 -1.99 14.00
CA HIS C 1377 18.80 -3.35 14.49
C HIS C 1377 17.44 -3.94 14.83
N SER C 1378 17.19 -5.16 14.36
CA SER C 1378 15.95 -5.87 14.62
C SER C 1378 16.25 -7.29 15.08
N VAL C 1379 15.42 -7.78 15.99
CA VAL C 1379 15.48 -9.16 16.46
C VAL C 1379 14.27 -9.89 15.91
N LEU C 1380 14.52 -11.00 15.23
CA LEU C 1380 13.49 -11.79 14.56
C LEU C 1380 13.48 -13.19 15.15
N ARG C 1381 12.32 -13.61 15.66
CA ARG C 1381 12.12 -14.98 16.09
C ARG C 1381 11.30 -15.74 15.05
N VAL C 1382 11.01 -17.01 15.35
CA VAL C 1382 10.36 -17.87 14.38
C VAL C 1382 9.03 -17.28 13.95
N GLY C 1383 8.82 -17.18 12.64
CA GLY C 1383 7.62 -16.59 12.09
C GLY C 1383 7.74 -15.11 11.81
N ASP C 1384 8.70 -14.43 12.42
CA ASP C 1384 8.93 -13.02 12.16
C ASP C 1384 9.58 -12.84 10.79
N MET C 1385 9.28 -11.69 10.18
CA MET C 1385 9.76 -11.37 8.85
C MET C 1385 10.22 -9.93 8.80
N ILE C 1386 11.23 -9.66 7.97
CA ILE C 1386 11.67 -8.29 7.70
C ILE C 1386 11.72 -8.10 6.19
N GLU C 1387 11.29 -6.92 5.75
CA GLU C 1387 11.38 -6.52 4.36
C GLU C 1387 12.58 -5.61 4.17
N ILE C 1388 13.44 -5.94 3.20
CA ILE C 1388 14.62 -5.16 2.86
C ILE C 1388 14.40 -4.58 1.47
N ASP C 1389 14.30 -3.26 1.40
CA ASP C 1389 14.03 -2.61 0.13
C ASP C 1389 15.26 -2.66 -0.78
N ARG C 1390 15.01 -2.35 -2.05
CA ARG C 1390 16.07 -2.06 -2.99
C ARG C 1390 17.00 -0.95 -2.50
N GLY C 1391 18.31 -1.21 -2.63
CA GLY C 1391 19.35 -0.30 -2.21
C GLY C 1391 19.78 -0.48 -0.76
N THR C 1392 18.93 -1.05 0.09
CA THR C 1392 19.27 -1.23 1.48
C THR C 1392 20.42 -2.22 1.65
N ARG C 1393 21.36 -1.87 2.52
CA ARG C 1393 22.45 -2.75 2.88
C ARG C 1393 22.09 -3.45 4.18
N TYR C 1394 22.29 -4.76 4.22
CA TYR C 1394 21.85 -5.55 5.36
C TYR C 1394 22.87 -6.62 5.72
N SER C 1395 22.89 -6.98 7.00
CA SER C 1395 23.70 -8.07 7.50
C SER C 1395 22.83 -8.93 8.42
N ILE C 1396 23.20 -10.20 8.54
CA ILE C 1396 22.44 -11.16 9.35
C ILE C 1396 23.40 -11.90 10.27
N GLN C 1397 23.01 -12.05 11.53
CA GLN C 1397 23.75 -12.86 12.47
C GLN C 1397 22.77 -13.74 13.24
N ASN C 1398 23.08 -15.02 13.35
CA ASN C 1398 22.31 -15.91 14.21
C ASN C 1398 22.48 -15.44 15.65
N ALA C 1399 21.35 -15.16 16.32
CA ALA C 1399 21.41 -14.51 17.61
C ALA C 1399 21.58 -15.46 18.79
N ILE C 1400 21.53 -16.78 18.57
CA ILE C 1400 21.48 -17.75 19.65
C ILE C 1400 22.55 -18.81 19.44
N ASP C 1401 22.66 -19.70 20.43
CA ASP C 1401 23.66 -20.77 20.44
C ASP C 1401 23.13 -22.07 19.83
N LYS C 1402 22.18 -21.98 18.91
CA LYS C 1402 21.63 -23.13 18.20
C LYS C 1402 21.58 -22.81 16.72
N VAL C 1403 21.43 -23.85 15.90
CA VAL C 1403 21.28 -23.62 14.47
C VAL C 1403 19.96 -22.88 14.24
N SER C 1404 20.01 -21.84 13.43
CA SER C 1404 18.83 -21.07 13.07
C SER C 1404 18.66 -21.09 11.57
N VAL C 1405 17.42 -21.13 11.10
CA VAL C 1405 17.12 -21.24 9.68
C VAL C 1405 16.17 -20.13 9.29
N LEU C 1406 16.48 -19.43 8.21
CA LEU C 1406 15.63 -18.36 7.71
C LEU C 1406 15.31 -18.65 6.25
N MET C 1407 14.11 -18.29 5.83
CA MET C 1407 13.71 -18.38 4.44
C MET C 1407 13.89 -17.03 3.79
N CYS C 1408 14.57 -17.00 2.64
CA CYS C 1408 14.78 -15.76 1.91
C CYS C 1408 13.78 -15.74 0.76
N ILE C 1409 12.96 -14.69 0.69
CA ILE C 1409 11.87 -14.59 -0.29
C ILE C 1409 12.10 -13.37 -1.18
N ARG C 1410 12.36 -13.63 -2.47
CA ARG C 1410 12.57 -12.61 -3.50
C ARG C 1410 11.37 -12.34 -4.42
N SER C 1411 10.99 -11.05 -4.52
CA SER C 1411 9.76 -10.65 -5.03
C SER C 1411 9.89 -10.28 -6.50
N ASP D 1274 -29.49 22.09 -5.53
CA ASP D 1274 -29.64 21.77 -4.12
C ASP D 1274 -28.89 20.48 -3.80
N GLU D 1275 -29.02 19.48 -4.67
CA GLU D 1275 -28.33 18.21 -4.47
C GLU D 1275 -26.81 18.37 -4.49
N GLN D 1276 -26.29 19.09 -5.49
CA GLN D 1276 -24.85 19.25 -5.59
C GLN D 1276 -24.30 20.13 -4.47
N GLU D 1277 -25.07 21.15 -4.10
CA GLU D 1277 -24.66 22.04 -3.02
C GLU D 1277 -24.73 21.32 -1.67
N GLU D 1278 -25.72 20.43 -1.51
CA GLU D 1278 -25.79 19.65 -0.26
C GLU D 1278 -24.66 18.63 -0.16
N ALA D 1279 -24.29 18.00 -1.28
CA ALA D 1279 -23.19 17.03 -1.25
C ALA D 1279 -21.86 17.72 -0.99
N SER D 1280 -21.66 18.90 -1.56
CA SER D 1280 -20.43 19.64 -1.32
C SER D 1280 -20.32 20.08 0.13
N THR D 1281 -21.45 20.51 0.73
CA THR D 1281 -21.42 20.97 2.11
C THR D 1281 -21.13 19.85 3.11
N LYS D 1282 -21.67 18.66 2.89
CA LYS D 1282 -21.49 17.58 3.84
C LYS D 1282 -20.10 16.95 3.68
N LEU D 1283 -19.48 17.08 2.51
CA LEU D 1283 -18.08 16.68 2.36
C LEU D 1283 -17.20 17.60 3.18
N MET D 1284 -17.42 18.91 3.09
CA MET D 1284 -16.62 19.86 3.86
C MET D 1284 -16.73 19.61 5.36
N GLN D 1285 -17.96 19.47 5.86
CA GLN D 1285 -18.16 19.21 7.28
C GLN D 1285 -17.47 17.91 7.71
N TRP D 1286 -17.53 16.89 6.86
CA TRP D 1286 -16.86 15.63 7.19
C TRP D 1286 -15.35 15.83 7.29
N LEU D 1287 -14.77 16.57 6.34
CA LEU D 1287 -13.33 16.83 6.37
C LEU D 1287 -12.97 17.65 7.62
N ARG D 1288 -13.86 18.55 8.03
CA ARG D 1288 -13.68 19.35 9.23
C ARG D 1288 -13.92 18.57 10.51
N GLY D 1289 -14.34 17.30 10.41
CA GLY D 1289 -14.63 16.50 11.59
C GLY D 1289 -16.04 16.60 12.12
N VAL D 1290 -16.95 17.27 11.41
CA VAL D 1290 -18.34 17.40 11.82
C VAL D 1290 -19.18 16.38 11.05
N GLY D 1291 -20.26 15.91 11.68
CA GLY D 1291 -21.22 15.08 10.98
C GLY D 1291 -21.24 13.61 11.39
N ASP D 1292 -20.07 13.00 11.51
CA ASP D 1292 -19.84 11.58 11.77
C ASP D 1292 -20.18 10.69 10.56
N ALA D 1293 -20.71 11.25 9.48
CA ALA D 1293 -21.12 10.44 8.34
C ALA D 1293 -20.32 10.81 7.10
N PRO D 1294 -19.73 9.85 6.40
CA PRO D 1294 -18.91 10.18 5.22
C PRO D 1294 -19.77 10.27 3.97
N PRO D 1295 -19.24 10.84 2.87
CA PRO D 1295 -20.08 11.10 1.70
C PRO D 1295 -20.39 9.88 0.85
N SER D 1296 -21.38 9.09 1.28
CA SER D 1296 -21.83 7.95 0.48
C SER D 1296 -22.48 8.41 -0.82
N ALA D 1304 -11.36 1.07 -9.56
CA ALA D 1304 -10.01 0.56 -9.40
C ALA D 1304 -9.02 1.71 -9.32
N SER D 1305 -9.00 2.54 -10.35
CA SER D 1305 -8.26 3.79 -10.31
C SER D 1305 -9.05 4.91 -9.64
N VAL D 1306 -10.28 4.62 -9.19
CA VAL D 1306 -11.15 5.61 -8.58
C VAL D 1306 -11.07 5.47 -7.06
N SER D 1307 -10.73 6.56 -6.40
CA SER D 1307 -10.73 6.65 -4.94
C SER D 1307 -11.80 7.67 -4.55
N SER D 1308 -12.96 7.19 -4.11
CA SER D 1308 -14.09 8.07 -3.83
C SER D 1308 -13.99 8.65 -2.41
N ALA D 1309 -14.74 9.74 -2.19
CA ALA D 1309 -14.66 10.47 -0.92
C ALA D 1309 -15.20 9.68 0.27
N ASN D 1310 -16.21 8.80 0.08
CA ASN D 1310 -16.69 8.05 1.23
C ASN D 1310 -15.67 7.04 1.73
N GLU D 1311 -14.62 6.76 0.97
CA GLU D 1311 -13.55 5.87 1.38
C GLU D 1311 -12.42 6.61 2.08
N LEU D 1312 -12.64 7.87 2.46
CA LEU D 1312 -11.61 8.68 3.11
C LEU D 1312 -11.68 8.50 4.61
N ILE D 1313 -10.76 7.73 5.18
CA ILE D 1313 -10.64 7.53 6.62
C ILE D 1313 -9.50 8.38 7.15
N PHE D 1314 -9.77 9.11 8.24
CA PHE D 1314 -8.78 9.97 8.89
C PHE D 1314 -8.04 9.21 9.98
N TYR D 1315 -6.71 9.22 9.90
CA TYR D 1315 -5.85 8.60 10.90
C TYR D 1315 -5.05 9.65 11.64
N GLN D 1316 -4.98 9.55 12.95
CA GLN D 1316 -4.20 10.47 13.76
C GLN D 1316 -2.75 10.00 13.77
N VAL D 1317 -1.85 10.84 13.28
CA VAL D 1317 -0.42 10.55 13.23
C VAL D 1317 0.31 11.74 13.83
N ASP D 1318 1.07 11.48 14.90
CA ASP D 1318 1.80 12.52 15.61
C ASP D 1318 0.88 13.67 16.02
N GLY D 1319 -0.35 13.31 16.38
CA GLY D 1319 -1.34 14.26 16.86
C GLY D 1319 -2.10 15.04 15.80
N ILE D 1320 -1.83 14.82 14.52
CA ILE D 1320 -2.52 15.52 13.44
C ILE D 1320 -3.31 14.52 12.61
N ASP D 1321 -4.51 14.92 12.17
CA ASP D 1321 -5.37 14.02 11.41
C ASP D 1321 -5.03 14.04 9.93
N TYR D 1322 -4.78 12.86 9.37
CA TYR D 1322 -4.45 12.68 7.97
C TYR D 1322 -5.44 11.71 7.32
N ALA D 1323 -5.90 12.04 6.12
CA ALA D 1323 -6.71 11.14 5.31
C ALA D 1323 -6.17 11.19 3.89
N PHE D 1324 -5.83 10.03 3.35
CA PHE D 1324 -5.23 9.95 2.02
C PHE D 1324 -6.11 9.15 1.09
N TYR D 1325 -6.12 9.55 -0.17
CA TYR D 1325 -6.78 8.78 -1.21
C TYR D 1325 -5.94 7.55 -1.54
N ASN D 1326 -6.61 6.49 -2.00
CA ASN D 1326 -5.90 5.30 -2.42
C ASN D 1326 -5.35 5.52 -3.82
N THR D 1327 -4.04 5.67 -3.93
CA THR D 1327 -3.36 5.89 -5.19
C THR D 1327 -2.33 4.80 -5.41
N LYS D 1328 -1.89 4.65 -6.66
CA LYS D 1328 -0.87 3.64 -6.95
C LYS D 1328 0.38 3.89 -6.14
N GLU D 1329 0.89 5.13 -6.19
CA GLU D 1329 1.93 5.53 -5.26
C GLU D 1329 1.24 6.03 -3.99
N LYS D 1330 1.58 5.42 -2.86
CA LYS D 1330 0.82 5.62 -1.64
C LYS D 1330 0.98 7.03 -1.09
N ALA D 1331 -0.12 7.56 -0.54
CA ALA D 1331 -0.13 8.82 0.21
C ALA D 1331 0.35 10.01 -0.64
N MET D 1332 0.03 10.01 -1.93
CA MET D 1332 0.42 11.12 -2.79
C MET D 1332 -0.59 12.26 -2.77
N LEU D 1333 -1.84 11.99 -2.38
CA LEU D 1333 -2.89 13.01 -2.35
C LEU D 1333 -3.71 12.79 -1.09
N GLY D 1334 -3.80 13.80 -0.23
CA GLY D 1334 -4.55 13.63 0.99
C GLY D 1334 -4.95 14.96 1.60
N TYR D 1335 -5.53 14.87 2.79
CA TYR D 1335 -5.99 16.02 3.54
C TYR D 1335 -5.34 16.03 4.91
N MET D 1336 -4.98 17.22 5.38
CA MET D 1336 -4.45 17.42 6.72
C MET D 1336 -5.45 18.27 7.50
N ARG D 1337 -6.00 17.70 8.56
CA ARG D 1337 -6.97 18.39 9.41
C ARG D 1337 -6.25 18.86 10.66
N PHE D 1338 -6.30 20.17 10.91
CA PHE D 1338 -5.61 20.79 12.04
C PHE D 1338 -6.63 21.22 13.08
N LYS D 1339 -6.28 21.04 14.35
CA LYS D 1339 -7.11 21.52 15.45
C LYS D 1339 -6.80 22.99 15.70
N PRO D 1340 -7.63 23.69 16.51
CA PRO D 1340 -7.42 25.14 16.71
C PRO D 1340 -6.00 25.52 17.11
N TYR D 1341 -5.37 26.36 16.28
CA TYR D 1341 -4.03 26.88 16.48
C TYR D 1341 -2.97 25.79 16.54
N GLN D 1342 -3.32 24.55 16.17
CA GLN D 1342 -2.33 23.49 16.16
C GLN D 1342 -1.28 23.78 15.09
N LYS D 1343 -0.03 23.50 15.44
CA LYS D 1343 1.11 23.72 14.56
C LYS D 1343 1.87 22.41 14.40
N ARG D 1344 2.43 22.21 13.21
CA ARG D 1344 3.37 21.13 12.95
C ARG D 1344 4.70 21.80 12.69
N SER D 1345 5.64 21.60 13.59
CA SER D 1345 6.93 22.24 13.43
C SER D 1345 7.63 21.71 12.17
N MET D 1346 8.58 22.51 11.68
CA MET D 1346 9.27 22.32 10.39
C MET D 1346 9.75 20.90 10.11
N LYS D 1347 9.46 20.44 8.88
CA LYS D 1347 10.05 19.23 8.33
C LYS D 1347 10.49 19.58 6.91
N GLN D 1348 11.26 18.66 6.32
CA GLN D 1348 11.89 18.88 5.03
C GLN D 1348 11.21 18.03 3.97
N ALA D 1349 11.04 18.61 2.80
CA ALA D 1349 10.53 17.87 1.65
C ALA D 1349 11.68 16.98 1.22
N LYS D 1350 11.70 15.76 1.77
CA LYS D 1350 12.86 14.89 1.58
C LYS D 1350 12.89 14.31 0.18
N VAL D 1351 12.03 13.33 -0.10
CA VAL D 1351 12.04 12.62 -1.38
C VAL D 1351 10.98 13.11 -2.36
N HIS D 1352 9.99 13.88 -1.93
CA HIS D 1352 8.98 14.33 -2.87
C HIS D 1352 8.66 15.87 -2.70
N PRO D 1353 8.62 16.58 -3.81
CA PRO D 1353 8.09 17.95 -3.73
C PRO D 1353 6.59 17.92 -3.49
N LEU D 1354 6.09 18.95 -2.81
CA LEU D 1354 4.71 18.97 -2.38
C LEU D 1354 4.09 20.33 -2.65
N LYS D 1355 2.76 20.33 -2.79
CA LYS D 1355 1.95 21.53 -2.90
C LYS D 1355 0.91 21.49 -1.80
N LEU D 1356 0.74 22.60 -1.10
CA LEU D 1356 -0.24 22.73 -0.04
C LEU D 1356 -1.33 23.69 -0.50
N LEU D 1357 -2.56 23.20 -0.57
CA LEU D 1357 -3.71 24.00 -0.98
C LEU D 1357 -4.74 23.96 0.13
N VAL D 1358 -5.23 25.14 0.51
CA VAL D 1358 -6.11 25.27 1.67
C VAL D 1358 -7.51 24.83 1.27
N GLN D 1359 -7.99 23.75 1.88
CA GLN D 1359 -9.36 23.28 1.65
C GLN D 1359 -10.36 24.07 2.47
N PHE D 1360 -10.00 24.46 3.69
CA PHE D 1360 -10.88 25.22 4.57
C PHE D 1360 -10.05 25.87 5.68
N GLY D 1361 -10.45 27.08 6.08
CA GLY D 1361 -9.80 27.75 7.18
C GLY D 1361 -8.65 28.66 6.81
N GLU D 1362 -7.72 28.85 7.75
CA GLU D 1362 -6.59 29.76 7.55
C GLU D 1362 -5.32 29.11 8.09
N PHE D 1363 -4.22 29.30 7.37
CA PHE D 1363 -2.95 28.70 7.76
C PHE D 1363 -1.82 29.71 7.64
N ASN D 1364 -0.84 29.57 8.53
CA ASN D 1364 0.44 30.28 8.46
C ASN D 1364 1.51 29.26 8.11
N VAL D 1365 2.20 29.48 7.00
CA VAL D 1365 3.26 28.57 6.54
C VAL D 1365 4.58 29.32 6.54
N GLU D 1366 5.60 28.70 7.13
CA GLU D 1366 6.96 29.21 7.12
C GLU D 1366 7.83 28.30 6.26
N THR D 1367 8.63 28.90 5.38
CA THR D 1367 9.44 28.17 4.42
C THR D 1367 10.92 28.51 4.62
N LEU D 1368 11.77 27.49 4.54
CA LEU D 1368 13.22 27.65 4.66
C LEU D 1368 13.95 26.95 3.53
N ALA D 1369 14.68 27.72 2.73
CA ALA D 1369 15.46 27.21 1.61
C ALA D 1369 16.67 26.42 2.12
N VAL D 1370 17.40 25.81 1.18
CA VAL D 1370 18.53 24.91 1.47
C VAL D 1370 19.55 25.56 2.39
N GLY D 1371 20.23 26.60 1.90
CA GLY D 1371 21.24 27.28 2.68
C GLY D 1371 20.76 28.57 3.33
N GLU D 1372 19.51 28.96 3.12
CA GLU D 1372 19.02 30.22 3.66
C GLU D 1372 18.77 30.11 5.15
N GLU D 1373 19.09 31.20 5.87
CA GLU D 1373 18.85 31.26 7.31
C GLU D 1373 17.58 32.01 7.67
N LYS D 1374 17.10 32.91 6.80
CA LYS D 1374 15.90 33.68 7.08
C LYS D 1374 14.69 32.97 6.47
N GLU D 1375 13.71 32.69 7.30
CA GLU D 1375 12.48 32.05 6.84
C GLU D 1375 11.47 33.08 6.34
N VAL D 1376 10.74 32.71 5.29
CA VAL D 1376 9.71 33.55 4.69
C VAL D 1376 8.36 33.12 5.23
N HIS D 1377 7.50 34.09 5.53
CA HIS D 1377 6.21 33.85 6.17
C HIS D 1377 5.08 34.07 5.18
N SER D 1378 4.14 33.12 5.14
CA SER D 1378 3.01 33.16 4.23
C SER D 1378 1.71 32.91 4.99
N VAL D 1379 0.67 33.63 4.59
CA VAL D 1379 -0.68 33.42 5.10
C VAL D 1379 -1.53 32.88 3.96
N LEU D 1380 -2.18 31.74 4.20
CA LEU D 1380 -2.97 31.06 3.18
C LEU D 1380 -4.40 30.92 3.66
N ARG D 1381 -5.34 31.43 2.86
CA ARG D 1381 -6.77 31.24 3.09
C ARG D 1381 -7.32 30.20 2.12
N VAL D 1382 -8.63 29.96 2.20
CA VAL D 1382 -9.24 28.88 1.41
C VAL D 1382 -8.98 29.12 -0.07
N GLY D 1383 -8.47 28.09 -0.75
CA GLY D 1383 -8.14 28.19 -2.15
C GLY D 1383 -6.72 28.62 -2.44
N ASP D 1384 -6.02 29.19 -1.46
CA ASP D 1384 -4.63 29.58 -1.66
C ASP D 1384 -3.75 28.35 -1.73
N MET D 1385 -2.64 28.48 -2.46
CA MET D 1385 -1.73 27.37 -2.68
C MET D 1385 -0.29 27.83 -2.51
N ILE D 1386 0.54 26.95 -1.95
CA ILE D 1386 1.97 27.18 -1.84
C ILE D 1386 2.70 25.95 -2.37
N GLU D 1387 3.75 26.18 -3.15
CA GLU D 1387 4.59 25.12 -3.69
C GLU D 1387 5.85 24.99 -2.84
N ILE D 1388 6.12 23.78 -2.36
CA ILE D 1388 7.30 23.50 -1.54
C ILE D 1388 8.22 22.61 -2.35
N ASP D 1389 9.39 23.14 -2.73
CA ASP D 1389 10.32 22.36 -3.52
C ASP D 1389 11.02 21.31 -2.65
N ARG D 1390 11.62 20.33 -3.32
CA ARG D 1390 12.38 19.30 -2.60
C ARG D 1390 13.53 19.93 -1.82
N GLY D 1391 13.70 19.48 -0.59
CA GLY D 1391 14.75 19.97 0.27
C GLY D 1391 14.36 21.18 1.10
N THR D 1392 13.33 21.91 0.68
CA THR D 1392 12.85 23.05 1.45
C THR D 1392 12.29 22.56 2.77
N ARG D 1393 12.59 23.30 3.84
CA ARG D 1393 12.02 23.03 5.15
C ARG D 1393 10.82 23.94 5.35
N TYR D 1394 9.71 23.37 5.81
CA TYR D 1394 8.46 24.10 5.92
C TYR D 1394 7.75 23.75 7.21
N SER D 1395 6.97 24.70 7.72
CA SER D 1395 6.15 24.49 8.90
C SER D 1395 4.75 25.00 8.62
N ILE D 1396 3.76 24.41 9.29
CA ILE D 1396 2.36 24.75 9.10
C ILE D 1396 1.74 24.96 10.46
N GLN D 1397 1.00 26.07 10.62
CA GLN D 1397 0.24 26.33 11.84
C GLN D 1397 -1.15 26.78 11.47
N ASN D 1398 -2.16 26.18 12.10
CA ASN D 1398 -3.54 26.62 11.95
C ASN D 1398 -3.67 28.02 12.56
N ALA D 1399 -4.16 28.97 11.76
CA ALA D 1399 -4.16 30.37 12.15
C ALA D 1399 -5.39 30.81 12.95
N ILE D 1400 -6.39 29.95 13.13
CA ILE D 1400 -7.63 30.35 13.77
C ILE D 1400 -8.01 29.35 14.87
N ASP D 1401 -9.07 29.70 15.60
CA ASP D 1401 -9.58 28.88 16.70
C ASP D 1401 -10.63 27.88 16.23
N LYS D 1402 -10.54 27.45 14.97
CA LYS D 1402 -11.42 26.47 14.37
C LYS D 1402 -10.57 25.44 13.66
N VAL D 1403 -11.19 24.31 13.32
CA VAL D 1403 -10.50 23.33 12.51
C VAL D 1403 -10.25 23.92 11.13
N SER D 1404 -9.03 23.79 10.64
CA SER D 1404 -8.67 24.18 9.29
C SER D 1404 -8.15 22.95 8.56
N VAL D 1405 -8.43 22.88 7.26
CA VAL D 1405 -8.14 21.68 6.48
C VAL D 1405 -7.23 22.04 5.32
N LEU D 1406 -6.20 21.23 5.11
CA LEU D 1406 -5.21 21.45 4.06
C LEU D 1406 -5.15 20.22 3.16
N MET D 1407 -5.03 20.47 1.86
CA MET D 1407 -4.81 19.41 0.90
C MET D 1407 -3.32 19.36 0.56
N CYS D 1408 -2.72 18.18 0.68
CA CYS D 1408 -1.31 17.99 0.36
C CYS D 1408 -1.21 17.22 -0.95
N ILE D 1409 -0.49 17.81 -1.91
CA ILE D 1409 -0.33 17.23 -3.23
C ILE D 1409 1.17 17.04 -3.45
N ARG D 1410 1.62 15.79 -3.41
CA ARG D 1410 3.02 15.48 -3.65
C ARG D 1410 3.24 14.97 -5.07
N SER D 1411 4.43 15.25 -5.60
CA SER D 1411 4.75 14.87 -6.98
C SER D 1411 5.90 13.88 -7.02
N ASP E 1274 -18.01 30.83 11.23
CA ASP E 1274 -19.00 31.09 10.20
C ASP E 1274 -18.38 31.95 9.09
N GLU E 1275 -17.55 32.93 9.49
CA GLU E 1275 -16.86 33.76 8.51
C GLU E 1275 -16.03 32.90 7.56
N GLN E 1276 -15.35 31.88 8.10
CA GLN E 1276 -14.62 30.95 7.26
C GLN E 1276 -15.55 30.12 6.36
N GLU E 1277 -16.76 29.72 6.83
CA GLU E 1277 -17.68 29.01 5.92
C GLU E 1277 -18.05 29.86 4.71
N GLU E 1278 -18.40 31.11 4.96
CA GLU E 1278 -18.87 31.93 3.85
C GLU E 1278 -17.73 32.25 2.89
N ALA E 1279 -16.51 32.33 3.41
CA ALA E 1279 -15.36 32.54 2.54
C ALA E 1279 -15.14 31.37 1.59
N SER E 1280 -15.32 30.14 2.09
CA SER E 1280 -15.20 28.98 1.21
C SER E 1280 -16.33 28.94 0.19
N THR E 1281 -17.53 29.32 0.60
CA THR E 1281 -18.65 29.31 -0.34
C THR E 1281 -18.42 30.34 -1.44
N LYS E 1282 -17.79 31.46 -1.11
CA LYS E 1282 -17.56 32.48 -2.13
C LYS E 1282 -16.49 32.02 -3.12
N LEU E 1283 -15.59 31.14 -2.68
CA LEU E 1283 -14.66 30.53 -3.61
C LEU E 1283 -15.36 29.56 -4.55
N MET E 1284 -16.23 28.70 -4.01
CA MET E 1284 -16.93 27.71 -4.82
C MET E 1284 -17.81 28.38 -5.88
N GLN E 1285 -18.63 29.34 -5.47
CA GLN E 1285 -19.49 30.04 -6.42
C GLN E 1285 -18.67 30.73 -7.50
N TRP E 1286 -17.50 31.25 -7.15
CA TRP E 1286 -16.61 31.82 -8.14
C TRP E 1286 -16.16 30.75 -9.13
N LEU E 1287 -15.78 29.57 -8.62
CA LEU E 1287 -15.36 28.48 -9.49
C LEU E 1287 -16.53 27.96 -10.34
N ARG E 1288 -17.73 27.96 -9.77
CA ARG E 1288 -18.89 27.50 -10.52
C ARG E 1288 -19.35 28.47 -11.60
N GLY E 1289 -18.76 29.66 -11.66
CA GLY E 1289 -19.20 30.63 -12.63
C GLY E 1289 -20.38 31.46 -12.18
N VAL E 1290 -20.76 31.36 -10.91
CA VAL E 1290 -21.93 32.05 -10.38
C VAL E 1290 -21.54 33.36 -9.71
N VAL E 1306 3.68 31.76 -3.25
CA VAL E 1306 2.26 31.67 -2.92
C VAL E 1306 1.42 32.06 -4.14
N SER E 1307 0.53 31.15 -4.54
CA SER E 1307 -0.42 31.39 -5.62
C SER E 1307 -1.82 31.42 -5.03
N SER E 1308 -2.35 32.61 -4.84
CA SER E 1308 -3.65 32.76 -4.19
C SER E 1308 -4.77 32.56 -5.19
N ALA E 1309 -5.97 32.36 -4.65
CA ALA E 1309 -7.14 32.14 -5.52
C ALA E 1309 -7.40 33.37 -6.39
N ASN E 1310 -7.04 34.55 -5.91
CA ASN E 1310 -7.20 35.77 -6.68
C ASN E 1310 -6.30 35.83 -7.91
N GLU E 1311 -5.25 35.01 -7.97
CA GLU E 1311 -4.37 34.97 -9.13
C GLU E 1311 -4.80 33.92 -10.13
N LEU E 1312 -6.00 33.36 -9.95
CA LEU E 1312 -6.58 32.35 -10.83
C LEU E 1312 -7.41 33.02 -11.92
N ILE E 1313 -6.86 33.08 -13.13
CA ILE E 1313 -7.59 33.61 -14.28
C ILE E 1313 -8.13 32.45 -15.09
N PHE E 1314 -9.42 32.51 -15.44
CA PHE E 1314 -10.07 31.46 -16.23
C PHE E 1314 -9.95 31.81 -17.71
N TYR E 1315 -9.34 30.92 -18.49
CA TYR E 1315 -9.26 31.07 -19.94
C TYR E 1315 -9.97 29.91 -20.61
N GLN E 1316 -10.80 30.22 -21.61
CA GLN E 1316 -11.56 29.21 -22.34
C GLN E 1316 -10.78 28.66 -23.52
N VAL E 1317 -10.62 27.33 -23.56
CA VAL E 1317 -9.95 26.62 -24.65
C VAL E 1317 -10.87 25.51 -25.12
N ASP E 1318 -11.20 25.51 -26.43
CA ASP E 1318 -12.09 24.52 -27.03
C ASP E 1318 -13.44 24.46 -26.32
N GLY E 1319 -13.93 25.62 -25.87
CA GLY E 1319 -15.21 25.70 -25.23
C GLY E 1319 -15.24 25.36 -23.76
N ILE E 1320 -14.09 25.02 -23.15
CA ILE E 1320 -14.01 24.66 -21.75
C ILE E 1320 -13.19 25.72 -21.01
N ASP E 1321 -13.62 26.08 -19.81
CA ASP E 1321 -12.95 27.09 -19.01
C ASP E 1321 -11.85 26.47 -18.15
N TYR E 1322 -10.66 27.05 -18.22
CA TYR E 1322 -9.49 26.56 -17.49
C TYR E 1322 -8.92 27.67 -16.61
N ALA E 1323 -8.59 27.31 -15.37
CA ALA E 1323 -7.88 28.19 -14.45
C ALA E 1323 -6.78 27.40 -13.78
N PHE E 1324 -5.54 27.86 -13.91
CA PHE E 1324 -4.38 27.17 -13.37
C PHE E 1324 -3.65 28.04 -12.35
N TYR E 1325 -3.10 27.40 -11.33
CA TYR E 1325 -2.22 28.05 -10.37
C TYR E 1325 -0.84 28.26 -11.00
N ASN E 1326 -0.14 29.27 -10.53
CA ASN E 1326 1.22 29.54 -10.99
C ASN E 1326 2.19 28.61 -10.27
N THR E 1327 2.75 27.65 -11.00
CA THR E 1327 3.69 26.68 -10.46
C THR E 1327 4.99 26.73 -11.24
N LYS E 1328 6.04 26.11 -10.67
CA LYS E 1328 7.33 26.05 -11.34
C LYS E 1328 7.21 25.39 -12.70
N GLU E 1329 6.62 24.20 -12.74
CA GLU E 1329 6.24 23.58 -14.00
C GLU E 1329 4.84 24.05 -14.35
N LYS E 1330 4.68 24.57 -15.56
CA LYS E 1330 3.44 25.25 -15.91
C LYS E 1330 2.24 24.30 -15.95
N ALA E 1331 1.10 24.81 -15.47
CA ALA E 1331 -0.22 24.17 -15.63
C ALA E 1331 -0.30 22.80 -14.98
N MET E 1332 0.34 22.61 -13.85
CA MET E 1332 0.28 21.28 -13.28
C MET E 1332 -0.80 21.14 -12.21
N LEU E 1333 -1.37 22.26 -11.76
CA LEU E 1333 -2.47 22.25 -10.80
C LEU E 1333 -3.47 23.31 -11.26
N GLY E 1334 -4.70 22.88 -11.54
CA GLY E 1334 -5.69 23.79 -12.02
C GLY E 1334 -7.09 23.24 -11.89
N TYR E 1335 -8.04 23.99 -12.43
CA TYR E 1335 -9.45 23.64 -12.40
C TYR E 1335 -10.02 23.64 -13.81
N MET E 1336 -10.92 22.70 -14.07
CA MET E 1336 -11.67 22.62 -15.31
C MET E 1336 -13.13 22.91 -14.98
N ARG E 1337 -13.69 23.95 -15.58
CA ARG E 1337 -15.08 24.31 -15.40
C ARG E 1337 -15.90 23.84 -16.60
N PHE E 1338 -16.92 23.02 -16.33
CA PHE E 1338 -17.76 22.43 -17.37
C PHE E 1338 -19.14 23.04 -17.34
N LYS E 1339 -19.71 23.27 -18.51
CA LYS E 1339 -21.09 23.70 -18.61
C LYS E 1339 -21.98 22.47 -18.49
N PRO E 1340 -23.31 22.66 -18.32
CA PRO E 1340 -24.19 21.49 -18.17
C PRO E 1340 -24.02 20.46 -19.27
N TYR E 1341 -23.63 19.24 -18.90
CA TYR E 1341 -23.45 18.11 -19.81
C TYR E 1341 -22.34 18.37 -20.83
N GLN E 1342 -21.48 19.36 -20.59
CA GLN E 1342 -20.39 19.63 -21.52
C GLN E 1342 -19.43 18.44 -21.60
N LYS E 1343 -18.86 18.28 -22.79
CA LYS E 1343 -18.02 17.15 -23.19
C LYS E 1343 -16.59 17.63 -23.36
N ARG E 1344 -15.63 16.82 -22.96
CA ARG E 1344 -14.23 17.05 -23.24
C ARG E 1344 -13.68 15.94 -24.12
N SER E 1345 -13.13 16.31 -25.26
CA SER E 1345 -12.64 15.33 -26.22
C SER E 1345 -11.62 14.40 -25.59
N MET E 1346 -11.60 13.16 -26.07
CA MET E 1346 -10.62 12.17 -25.61
C MET E 1346 -9.20 12.68 -25.80
N LYS E 1347 -8.37 12.53 -24.78
CA LYS E 1347 -6.96 12.87 -24.85
C LYS E 1347 -6.14 11.76 -24.21
N GLN E 1348 -4.84 11.79 -24.47
CA GLN E 1348 -3.92 10.80 -23.94
C GLN E 1348 -2.97 11.45 -22.95
N ALA E 1349 -2.74 10.78 -21.83
CA ALA E 1349 -1.71 11.23 -20.89
C ALA E 1349 -0.37 10.81 -21.48
N LYS E 1350 0.23 11.70 -22.27
CA LYS E 1350 1.42 11.37 -23.03
C LYS E 1350 2.67 11.38 -22.16
N VAL E 1351 3.14 12.58 -21.80
CA VAL E 1351 4.37 12.72 -21.04
C VAL E 1351 4.11 12.73 -19.54
N HIS E 1352 2.84 12.82 -19.15
CA HIS E 1352 2.43 12.80 -17.74
C HIS E 1352 1.33 11.82 -17.31
N PRO E 1353 1.50 11.21 -16.13
CA PRO E 1353 0.34 10.79 -15.33
C PRO E 1353 -0.57 11.95 -14.90
N LEU E 1354 -1.82 11.59 -14.59
CA LEU E 1354 -2.88 12.53 -14.28
C LEU E 1354 -3.73 12.08 -13.09
N LYS E 1355 -4.22 13.05 -12.32
CA LYS E 1355 -5.18 12.87 -11.24
C LYS E 1355 -6.34 13.85 -11.42
N LEU E 1356 -7.57 13.33 -11.37
CA LEU E 1356 -8.80 14.13 -11.52
C LEU E 1356 -9.59 14.08 -10.22
N LEU E 1357 -9.81 15.24 -9.62
CA LEU E 1357 -10.58 15.35 -8.38
C LEU E 1357 -11.74 16.31 -8.59
N VAL E 1358 -12.94 15.87 -8.22
CA VAL E 1358 -14.16 16.65 -8.46
C VAL E 1358 -14.31 17.73 -7.39
N GLN E 1359 -14.24 18.99 -7.80
CA GLN E 1359 -14.47 20.10 -6.89
C GLN E 1359 -15.95 20.36 -6.66
N PHE E 1360 -16.78 20.16 -7.69
CA PHE E 1360 -18.21 20.39 -7.57
C PHE E 1360 -18.92 19.63 -8.69
N GLY E 1361 -20.08 19.07 -8.38
CA GLY E 1361 -20.89 18.41 -9.39
C GLY E 1361 -20.58 16.93 -9.54
N GLU E 1362 -20.87 16.44 -10.74
CA GLU E 1362 -20.70 15.03 -11.09
C GLU E 1362 -20.11 14.93 -12.49
N PHE E 1363 -19.26 13.93 -12.70
CA PHE E 1363 -18.59 13.73 -13.98
C PHE E 1363 -18.66 12.27 -14.41
N ASN E 1364 -18.67 12.06 -15.74
CA ASN E 1364 -18.52 10.76 -16.37
C ASN E 1364 -17.12 10.74 -16.97
N VAL E 1365 -16.31 9.76 -16.55
CA VAL E 1365 -14.95 9.62 -17.06
C VAL E 1365 -14.84 8.27 -17.74
N GLU E 1366 -14.33 8.28 -18.98
CA GLU E 1366 -14.03 7.05 -19.71
C GLU E 1366 -12.54 6.93 -19.90
N THR E 1367 -11.99 5.76 -19.56
CA THR E 1367 -10.56 5.52 -19.66
C THR E 1367 -10.32 4.34 -20.58
N LEU E 1368 -9.26 4.43 -21.37
CA LEU E 1368 -8.82 3.33 -22.22
C LEU E 1368 -7.35 3.11 -21.91
N ALA E 1369 -7.04 2.01 -21.24
CA ALA E 1369 -5.64 1.76 -20.94
C ALA E 1369 -4.94 1.24 -22.19
N VAL E 1370 -3.61 1.35 -22.19
CA VAL E 1370 -2.84 0.85 -23.32
C VAL E 1370 -2.98 -0.66 -23.41
N GLY E 1371 -3.16 -1.16 -24.64
CA GLY E 1371 -3.33 -2.58 -24.84
C GLY E 1371 -4.75 -3.07 -24.63
N GLU E 1372 -5.48 -2.41 -23.74
CA GLU E 1372 -6.86 -2.80 -23.43
C GLU E 1372 -7.80 -2.42 -24.57
N GLU E 1373 -8.80 -3.27 -24.81
CA GLU E 1373 -9.78 -3.02 -25.87
C GLU E 1373 -11.08 -2.40 -25.39
N LYS E 1374 -11.47 -2.66 -24.15
CA LYS E 1374 -12.73 -2.18 -23.59
C LYS E 1374 -12.53 -0.90 -22.78
N GLU E 1375 -13.42 0.07 -22.99
CA GLU E 1375 -13.38 1.31 -22.22
C GLU E 1375 -13.95 1.09 -20.83
N VAL E 1376 -13.34 1.70 -19.83
CA VAL E 1376 -13.83 1.64 -18.46
C VAL E 1376 -14.57 2.93 -18.15
N HIS E 1377 -15.75 2.82 -17.55
CA HIS E 1377 -16.59 3.98 -17.24
C HIS E 1377 -16.73 4.17 -15.73
N SER E 1378 -16.50 5.39 -15.27
CA SER E 1378 -16.63 5.75 -13.86
C SER E 1378 -17.40 7.07 -13.73
N VAL E 1379 -18.22 7.17 -12.69
CA VAL E 1379 -18.91 8.41 -12.35
C VAL E 1379 -18.30 8.93 -11.04
N LEU E 1380 -17.95 10.21 -11.04
CA LEU E 1380 -17.27 10.83 -9.91
C LEU E 1380 -18.13 11.96 -9.35
N ARG E 1381 -18.39 11.92 -8.05
CA ARG E 1381 -19.06 13.00 -7.35
C ARG E 1381 -18.04 13.83 -6.58
N VAL E 1382 -18.53 14.86 -5.89
CA VAL E 1382 -17.65 15.83 -5.25
C VAL E 1382 -16.73 15.11 -4.27
N GLY E 1383 -15.43 15.37 -4.39
CA GLY E 1383 -14.43 14.74 -3.55
C GLY E 1383 -13.87 13.46 -4.11
N ASP E 1384 -14.54 12.84 -5.07
CA ASP E 1384 -14.05 11.62 -5.68
C ASP E 1384 -12.86 11.93 -6.58
N MET E 1385 -11.97 10.94 -6.71
CA MET E 1385 -10.75 11.11 -7.48
C MET E 1385 -10.52 9.87 -8.33
N ILE E 1386 -9.96 10.08 -9.52
CA ILE E 1386 -9.51 9.00 -10.39
C ILE E 1386 -8.10 9.30 -10.85
N GLU E 1387 -7.25 8.29 -10.88
CA GLU E 1387 -5.87 8.40 -11.35
C GLU E 1387 -5.77 7.93 -12.79
N ILE E 1388 -5.16 8.76 -13.64
CA ILE E 1388 -4.96 8.46 -15.05
C ILE E 1388 -3.49 8.20 -15.27
N ASP E 1389 -3.12 6.95 -15.57
CA ASP E 1389 -1.72 6.62 -15.77
C ASP E 1389 -1.22 7.16 -17.10
N ARG E 1390 0.10 7.18 -17.24
CA ARG E 1390 0.73 7.60 -18.48
C ARG E 1390 0.30 6.71 -19.64
N GLY E 1391 -0.06 7.33 -20.76
CA GLY E 1391 -0.42 6.63 -21.97
C GLY E 1391 -1.88 6.24 -22.11
N THR E 1392 -2.61 6.12 -21.00
CA THR E 1392 -4.03 5.80 -21.09
C THR E 1392 -4.79 6.96 -21.70
N ARG E 1393 -5.78 6.64 -22.52
CA ARG E 1393 -6.65 7.64 -23.13
C ARG E 1393 -7.90 7.81 -22.28
N TYR E 1394 -8.29 9.06 -22.03
CA TYR E 1394 -9.39 9.36 -21.15
C TYR E 1394 -10.27 10.45 -21.75
N SER E 1395 -11.54 10.41 -21.40
CA SER E 1395 -12.51 11.44 -21.77
C SER E 1395 -13.33 11.81 -20.56
N ILE E 1396 -13.82 13.05 -20.55
CA ILE E 1396 -14.59 13.58 -19.43
C ILE E 1396 -15.87 14.23 -19.94
N GLN E 1397 -16.97 13.94 -19.28
CA GLN E 1397 -18.23 14.62 -19.55
C GLN E 1397 -18.92 15.00 -18.26
N ASN E 1398 -19.41 16.24 -18.18
CA ASN E 1398 -20.26 16.65 -17.08
C ASN E 1398 -21.54 15.82 -17.11
N ALA E 1399 -21.83 15.12 -16.03
CA ALA E 1399 -22.92 14.15 -16.02
C ALA E 1399 -24.28 14.74 -15.67
N ILE E 1400 -24.36 16.01 -15.28
CA ILE E 1400 -25.59 16.57 -14.74
C ILE E 1400 -25.92 17.87 -15.46
N ASP E 1401 -27.08 18.44 -15.13
CA ASP E 1401 -27.61 19.65 -15.73
C ASP E 1401 -27.19 20.91 -14.98
N LYS E 1402 -26.04 20.88 -14.32
CA LYS E 1402 -25.51 22.04 -13.62
C LYS E 1402 -24.03 22.18 -13.97
N VAL E 1403 -23.48 23.35 -13.69
CA VAL E 1403 -22.06 23.55 -13.87
C VAL E 1403 -21.33 22.63 -12.91
N SER E 1404 -20.34 21.90 -13.42
CA SER E 1404 -19.51 21.05 -12.58
C SER E 1404 -18.05 21.45 -12.75
N VAL E 1405 -17.28 21.36 -11.67
CA VAL E 1405 -15.90 21.82 -11.64
C VAL E 1405 -15.02 20.66 -11.21
N LEU E 1406 -13.91 20.47 -11.91
CA LEU E 1406 -12.96 19.41 -11.64
C LEU E 1406 -11.58 20.00 -11.41
N MET E 1407 -10.84 19.41 -10.46
CA MET E 1407 -9.45 19.79 -10.23
C MET E 1407 -8.55 18.78 -10.93
N CYS E 1408 -7.64 19.27 -11.76
CA CYS E 1408 -6.71 18.41 -12.48
C CYS E 1408 -5.34 18.54 -11.84
N ILE E 1409 -4.79 17.41 -11.41
CA ILE E 1409 -3.52 17.35 -10.70
C ILE E 1409 -2.55 16.47 -11.46
N ARG E 1410 -1.53 17.10 -12.02
CA ARG E 1410 -0.40 16.45 -12.67
C ARG E 1410 0.73 16.41 -11.65
N SER E 1411 1.11 15.21 -11.22
CA SER E 1411 2.18 14.93 -10.25
C SER E 1411 3.59 14.57 -10.74
#